data_5YSQ
#
_entry.id   5YSQ
#
_cell.length_a   46.745
_cell.length_b   62.354
_cell.length_c   87.979
_cell.angle_alpha   90.00
_cell.angle_beta   103.97
_cell.angle_gamma   90.00
#
_symmetry.space_group_name_H-M   'P 1 21 1'
#
loop_
_entity.id
_entity.type
_entity.pdbx_description
1 polymer TM0415
2 non-polymer 1,2,3,4,5,6-HEXAHYDROXY-CYCLOHEXANE
3 non-polymer 'SULFATE ION'
4 water water
#
_entity_poly.entity_id   1
_entity_poly.type   'polypeptide(L)'
_entity_poly.pdbx_seq_one_letter_code
;MITFIGHVSKDVNVVDGKREIAYGGGVVMGAITSSLLGVKTKVITKCTREDVSKFSFLRDNGVEVVFLKSPRTTSIENRY
GSDPDTRESFLISAADPFTESDLAFIEGEAVHINPLWYGEFPEDLIPVLRRKVMFLSADAQGFVRVPENEKLVYRDWEMK
EKYLKYLDLFKVDSREAETLTGTNDLRESCRIIRSFGAKIILATHASGVIVFDGNFYEASFRSWSLEGRTGRGDTCTAAF
LVGFVFKKMSIEKATKFAAAVTSVKMRHPGPLRREDLEAISGDQYF
;
_entity_poly.pdbx_strand_id   A,B
#
loop_
_chem_comp.id
_chem_comp.type
_chem_comp.name
_chem_comp.formula
INS non-polymer 1,2,3,4,5,6-HEXAHYDROXY-CYCLOHEXANE 'C6 H12 O6'
SO4 non-polymer 'SULFATE ION' 'O4 S -2'
#
# COMPACT_ATOMS: atom_id res chain seq x y z
N MET A 1 13.57 -15.04 24.49
CA MET A 1 14.43 -15.02 23.26
C MET A 1 13.74 -15.64 22.07
N ILE A 2 14.07 -15.13 20.89
CA ILE A 2 13.54 -15.60 19.62
C ILE A 2 14.71 -15.95 18.70
N THR A 3 14.65 -17.09 18.02
CA THR A 3 15.64 -17.52 17.04
C THR A 3 14.99 -17.53 15.67
N PHE A 4 15.64 -16.94 14.70
CA PHE A 4 15.20 -16.96 13.29
C PHE A 4 16.10 -17.93 12.56
N ILE A 5 15.57 -18.86 11.80
CA ILE A 5 16.35 -19.81 11.04
C ILE A 5 16.10 -19.62 9.57
N GLY A 6 17.14 -19.26 8.83
CA GLY A 6 17.01 -19.05 7.42
C GLY A 6 18.22 -18.51 6.76
N HIS A 7 18.29 -18.71 5.46
CA HIS A 7 19.39 -18.19 4.65
C HIS A 7 19.40 -16.66 4.59
N VAL A 8 20.61 -16.12 4.75
CA VAL A 8 20.95 -14.75 4.28
C VAL A 8 21.07 -14.82 2.77
N SER A 9 21.02 -13.65 2.15
CA SER A 9 21.07 -13.60 0.70
C SER A 9 21.83 -12.41 0.20
N LYS A 10 22.62 -12.65 -0.85
CA LYS A 10 23.09 -11.56 -1.72
C LYS A 10 21.97 -11.30 -2.72
N ASP A 11 21.23 -10.21 -2.52
CA ASP A 11 20.13 -9.82 -3.40
C ASP A 11 20.69 -9.02 -4.56
N VAL A 12 20.30 -9.42 -5.77
CA VAL A 12 20.65 -8.69 -6.99
C VAL A 12 19.38 -8.04 -7.45
N ASN A 13 19.25 -6.76 -7.11
CA ASN A 13 18.02 -6.04 -7.41
C ASN A 13 18.18 -5.31 -8.70
N VAL A 14 17.32 -5.61 -9.66
CA VAL A 14 17.44 -5.06 -11.02
C VAL A 14 16.28 -4.09 -11.23
N VAL A 15 16.60 -2.79 -11.30
CA VAL A 15 15.64 -1.68 -11.37
C VAL A 15 15.85 -1.01 -12.71
N ASP A 16 14.86 -1.15 -13.61
CA ASP A 16 14.92 -0.62 -14.99
C ASP A 16 16.24 -1.00 -15.64
N GLY A 17 16.56 -2.29 -15.57
CA GLY A 17 17.80 -2.83 -16.12
C GLY A 17 19.11 -2.51 -15.39
N LYS A 18 19.03 -1.92 -14.18
CA LYS A 18 20.20 -1.52 -13.40
C LYS A 18 20.34 -2.46 -12.19
N ARG A 19 21.51 -3.07 -12.07
CA ARG A 19 21.81 -4.04 -11.03
C ARG A 19 22.29 -3.33 -9.80
N GLU A 20 21.69 -3.60 -8.63
N GLU A 20 21.68 -3.60 -8.65
CA GLU A 20 22.08 -3.01 -7.36
CA GLU A 20 22.15 -3.08 -7.39
C GLU A 20 22.08 -4.11 -6.29
C GLU A 20 22.23 -4.29 -6.50
N ILE A 21 23.21 -4.32 -5.60
CA ILE A 21 23.36 -5.43 -4.66
C ILE A 21 22.94 -5.01 -3.27
N ALA A 22 22.17 -5.86 -2.62
CA ALA A 22 21.84 -5.66 -1.21
C ALA A 22 22.07 -6.95 -0.42
N TYR A 23 22.46 -6.83 0.84
N TYR A 23 22.27 -6.77 0.90
CA TYR A 23 22.80 -8.01 1.63
CA TYR A 23 22.52 -7.87 1.88
C TYR A 23 21.68 -8.09 2.62
C TYR A 23 21.58 -7.87 3.11
N GLY A 24 20.84 -9.09 2.39
N GLY A 24 20.65 -6.91 3.23
CA GLY A 24 19.61 -9.20 3.11
CA GLY A 24 19.86 -6.81 4.47
C GLY A 24 19.23 -10.65 3.37
C GLY A 24 18.48 -7.46 4.41
N GLY A 25 17.93 -10.86 3.14
N GLY A 25 18.26 -8.32 3.42
CA GLY A 25 17.22 -12.08 3.46
CA GLY A 25 16.99 -9.03 3.26
C GLY A 25 16.18 -11.89 4.56
C GLY A 25 17.04 -10.40 3.90
N GLY A 26 15.29 -12.86 4.70
N GLY A 26 16.26 -11.36 3.40
CA GLY A 26 14.16 -12.71 5.62
CA GLY A 26 16.22 -12.69 4.01
C GLY A 26 14.69 -12.64 7.05
C GLY A 26 16.02 -12.66 5.50
N VAL A 27 15.68 -13.49 7.37
N VAL A 27 16.78 -13.47 6.23
CA VAL A 27 16.20 -13.49 8.74
CA VAL A 27 16.54 -13.65 7.65
C VAL A 27 16.80 -12.14 9.09
C VAL A 27 16.85 -12.37 8.44
N VAL A 28 17.43 -11.45 8.14
N VAL A 28 17.54 -11.43 7.81
CA VAL A 28 17.97 -10.14 8.46
CA VAL A 28 17.97 -10.22 8.50
C VAL A 28 16.89 -9.16 8.85
C VAL A 28 16.85 -9.28 8.92
N MET A 29 15.85 -9.08 8.05
CA MET A 29 14.78 -8.13 8.30
C MET A 29 14.06 -8.45 9.64
N GLY A 30 13.76 -9.73 9.86
CA GLY A 30 13.02 -10.07 11.06
C GLY A 30 13.84 -9.96 12.33
N ALA A 31 15.07 -10.46 12.26
CA ALA A 31 15.92 -10.46 13.46
C ALA A 31 16.28 -9.06 13.95
N ILE A 32 16.59 -8.17 13.01
CA ILE A 32 16.82 -6.78 13.42
C ILE A 32 15.59 -6.16 14.09
N THR A 33 14.40 -6.42 13.55
CA THR A 33 13.17 -5.92 14.21
C THR A 33 13.00 -6.40 15.62
N SER A 34 13.10 -7.72 15.84
CA SER A 34 12.93 -8.19 17.21
C SER A 34 14.01 -7.65 18.15
N SER A 35 15.24 -7.60 17.67
CA SER A 35 16.32 -7.09 18.53
C SER A 35 16.10 -5.62 18.92
N LEU A 36 15.79 -4.79 17.94
N LEU A 36 15.80 -4.78 17.93
CA LEU A 36 15.55 -3.37 18.21
CA LEU A 36 15.54 -3.37 18.17
C LEU A 36 14.30 -3.13 19.07
C LEU A 36 14.29 -3.12 19.03
N LEU A 37 13.34 -4.06 19.00
CA LEU A 37 12.17 -4.02 19.88
C LEU A 37 12.48 -4.57 21.28
N GLY A 38 13.68 -5.05 21.53
CA GLY A 38 14.13 -5.35 22.89
C GLY A 38 14.08 -6.80 23.32
N VAL A 39 13.85 -7.71 22.40
CA VAL A 39 13.80 -9.14 22.66
C VAL A 39 15.15 -9.74 22.24
N LYS A 40 15.76 -10.53 23.10
CA LYS A 40 17.04 -11.15 22.78
C LYS A 40 16.88 -12.05 21.57
N THR A 41 17.67 -11.84 20.54
CA THR A 41 17.47 -12.42 19.22
C THR A 41 18.67 -13.16 18.71
N LYS A 42 18.47 -14.35 18.15
CA LYS A 42 19.46 -15.17 17.52
C LYS A 42 19.06 -15.50 16.10
N VAL A 43 20.07 -15.64 15.25
CA VAL A 43 19.90 -16.06 13.86
C VAL A 43 20.76 -17.28 13.67
N ILE A 44 20.21 -18.33 13.07
CA ILE A 44 20.98 -19.47 12.58
C ILE A 44 20.91 -19.40 11.08
N THR A 45 22.06 -19.25 10.41
CA THR A 45 22.09 -19.12 8.97
C THR A 45 23.25 -19.90 8.36
N LYS A 46 23.34 -19.85 7.02
CA LYS A 46 24.46 -20.41 6.29
C LYS A 46 24.89 -19.49 5.21
N CYS A 47 26.17 -19.48 4.91
CA CYS A 47 26.76 -18.74 3.81
C CYS A 47 28.22 -19.12 3.76
N THR A 48 28.91 -18.68 2.71
CA THR A 48 30.41 -18.88 2.69
C THR A 48 31.12 -18.08 3.74
N ARG A 49 32.27 -18.56 4.14
CA ARG A 49 33.11 -17.80 5.04
CA ARG A 49 33.07 -17.81 5.08
C ARG A 49 33.42 -16.44 4.50
N GLU A 50 33.69 -16.39 3.19
CA GLU A 50 34.05 -15.13 2.56
C GLU A 50 32.93 -14.07 2.68
N ASP A 51 31.67 -14.49 2.70
CA ASP A 51 30.59 -13.56 2.77
C ASP A 51 30.13 -13.16 4.16
N VAL A 52 30.73 -13.75 5.20
CA VAL A 52 30.28 -13.43 6.54
C VAL A 52 30.37 -11.93 6.83
N SER A 53 31.42 -11.26 6.35
CA SER A 53 31.53 -9.81 6.67
C SER A 53 30.48 -8.92 6.06
N LYS A 54 29.78 -9.43 5.05
N LYS A 54 29.78 -9.43 5.05
CA LYS A 54 28.66 -8.70 4.46
CA LYS A 54 28.66 -8.71 4.44
C LYS A 54 27.48 -8.65 5.39
C LYS A 54 27.43 -8.71 5.32
N PHE A 55 27.40 -9.60 6.32
CA PHE A 55 26.29 -9.69 7.25
C PHE A 55 26.73 -9.36 8.68
N SER A 56 27.96 -8.84 8.89
CA SER A 56 28.42 -8.42 10.22
C SER A 56 27.47 -7.45 10.93
N PHE A 57 26.73 -6.68 10.14
CA PHE A 57 25.86 -5.66 10.71
C PHE A 57 24.72 -6.22 11.58
N LEU A 58 24.39 -7.50 11.42
CA LEU A 58 23.47 -8.13 12.36
C LEU A 58 23.90 -7.97 13.81
N ARG A 59 25.15 -8.31 14.08
N ARG A 59 25.15 -8.26 14.11
CA ARG A 59 25.71 -8.11 15.44
CA ARG A 59 25.65 -8.07 15.50
C ARG A 59 25.69 -6.65 15.92
C ARG A 59 25.78 -6.61 15.96
N ASP A 60 25.91 -5.67 15.01
CA ASP A 60 25.86 -4.21 15.35
C ASP A 60 24.43 -3.75 15.73
N ASN A 61 23.43 -4.55 15.35
CA ASN A 61 22.02 -4.38 15.70
C ASN A 61 21.59 -5.32 16.82
N GLY A 62 22.56 -5.86 17.56
CA GLY A 62 22.29 -6.68 18.73
C GLY A 62 21.95 -8.16 18.52
N VAL A 63 22.05 -8.65 17.29
CA VAL A 63 21.61 -10.01 16.96
C VAL A 63 22.76 -11.00 17.13
N GLU A 64 22.58 -12.06 17.91
CA GLU A 64 23.55 -13.17 17.93
C GLU A 64 23.43 -14.02 16.71
N VAL A 65 24.50 -14.28 15.97
CA VAL A 65 24.45 -15.03 14.75
C VAL A 65 25.36 -16.21 14.75
N VAL A 66 24.84 -17.36 14.37
CA VAL A 66 25.54 -18.60 14.05
C VAL A 66 25.66 -18.73 12.54
N PHE A 67 26.87 -18.55 12.01
CA PHE A 67 27.14 -18.61 10.59
C PHE A 67 27.63 -20.02 10.28
N LEU A 68 26.72 -20.89 9.90
CA LEU A 68 27.10 -22.26 9.58
C LEU A 68 27.67 -22.40 8.18
N LYS A 69 28.38 -23.53 7.97
CA LYS A 69 29.25 -23.75 6.77
C LYS A 69 28.46 -24.06 5.58
N SER A 70 28.79 -23.34 4.52
CA SER A 70 28.23 -23.65 3.27
C SER A 70 29.20 -23.29 2.16
N PRO A 71 29.24 -24.10 1.11
CA PRO A 71 30.18 -23.75 0.01
C PRO A 71 29.66 -22.67 -0.89
N ARG A 72 28.37 -22.37 -0.79
CA ARG A 72 27.78 -21.26 -1.53
C ARG A 72 26.92 -20.36 -0.58
N THR A 73 26.70 -19.14 -0.97
CA THR A 73 25.80 -18.19 -0.32
C THR A 73 24.58 -18.04 -1.20
N THR A 74 23.39 -18.09 -0.61
CA THR A 74 22.17 -17.85 -1.38
C THR A 74 22.22 -16.49 -2.00
N SER A 75 21.84 -16.44 -3.30
CA SER A 75 21.71 -15.20 -3.99
C SER A 75 20.47 -15.26 -4.85
N ILE A 76 19.66 -14.21 -4.72
CA ILE A 76 18.35 -14.12 -5.41
C ILE A 76 18.39 -12.85 -6.24
N GLU A 77 17.98 -12.96 -7.49
CA GLU A 77 17.81 -11.78 -8.36
C GLU A 77 16.33 -11.39 -8.31
N ASN A 78 16.04 -10.13 -8.03
CA ASN A 78 14.69 -9.60 -8.01
C ASN A 78 14.58 -8.60 -9.12
N ARG A 79 13.68 -8.87 -10.09
CA ARG A 79 13.44 -7.95 -11.22
C ARG A 79 12.10 -7.25 -11.01
N TYR A 80 12.13 -5.95 -11.26
CA TYR A 80 10.98 -5.04 -11.10
C TYR A 80 10.86 -4.35 -12.40
N ARG A 87 7.20 -8.28 -9.80
CA ARG A 87 7.79 -8.99 -8.65
C ARG A 87 8.30 -10.43 -8.97
N GLU A 88 9.34 -10.54 -9.80
CA GLU A 88 9.83 -11.80 -10.39
C GLU A 88 11.22 -12.08 -9.84
N SER A 89 11.41 -13.22 -9.17
CA SER A 89 12.66 -13.53 -8.53
C SER A 89 13.25 -14.83 -9.04
N PHE A 90 14.57 -14.95 -8.95
CA PHE A 90 15.31 -16.08 -9.46
C PHE A 90 16.35 -16.48 -8.42
N LEU A 91 16.46 -17.77 -8.22
CA LEU A 91 17.47 -18.32 -7.29
C LEU A 91 18.73 -18.61 -8.10
N ILE A 92 19.69 -17.71 -7.99
CA ILE A 92 20.93 -17.79 -8.75
C ILE A 92 21.85 -18.82 -8.16
N SER A 93 21.98 -18.79 -6.81
N SER A 93 21.99 -18.80 -6.83
CA SER A 93 22.84 -19.69 -6.06
CA SER A 93 22.80 -19.77 -6.11
C SER A 93 22.12 -20.03 -4.77
C SER A 93 22.11 -20.05 -4.80
N ALA A 94 22.39 -21.23 -4.25
CA ALA A 94 21.75 -21.68 -3.05
C ALA A 94 22.77 -22.23 -2.04
N ALA A 95 22.79 -21.61 -0.86
CA ALA A 95 23.53 -22.24 0.27
C ALA A 95 22.90 -23.59 0.58
N ASP A 96 23.64 -24.36 1.36
CA ASP A 96 23.18 -25.69 1.69
C ASP A 96 21.89 -25.60 2.55
N PRO A 97 20.97 -26.55 2.34
N PRO A 97 20.95 -26.53 2.33
CA PRO A 97 19.80 -26.57 3.21
CA PRO A 97 19.75 -26.51 3.17
C PRO A 97 20.15 -26.80 4.68
C PRO A 97 20.08 -26.89 4.60
N PHE A 98 19.22 -26.44 5.52
CA PHE A 98 19.30 -26.82 6.94
C PHE A 98 19.08 -28.32 7.08
N THR A 99 19.77 -28.89 8.06
CA THR A 99 19.58 -30.30 8.44
C THR A 99 19.25 -30.37 9.93
N GLU A 100 18.82 -31.54 10.34
CA GLU A 100 18.40 -31.76 11.72
C GLU A 100 19.44 -31.33 12.76
N SER A 101 20.70 -31.63 12.53
CA SER A 101 21.73 -31.32 13.52
C SER A 101 21.94 -29.82 13.69
N ASP A 102 21.51 -29.04 12.69
CA ASP A 102 21.62 -27.56 12.79
C ASP A 102 20.69 -27.03 13.88
N LEU A 103 19.72 -27.84 14.31
CA LEU A 103 18.77 -27.46 15.35
C LEU A 103 19.21 -27.86 16.75
N ALA A 104 20.42 -28.41 16.92
CA ALA A 104 20.83 -29.03 18.19
C ALA A 104 20.89 -28.11 19.41
N PHE A 105 21.19 -26.84 19.17
CA PHE A 105 21.37 -25.88 20.25
C PHE A 105 20.15 -24.98 20.46
N ILE A 106 19.03 -25.29 19.84
CA ILE A 106 17.83 -24.44 19.95
C ILE A 106 17.41 -24.20 21.42
N GLU A 107 17.24 -22.92 21.76
CA GLU A 107 16.87 -22.48 23.09
C GLU A 107 15.98 -21.26 22.89
N GLY A 108 15.41 -20.79 24.00
CA GLY A 108 14.42 -19.72 23.97
C GLY A 108 13.01 -20.21 23.70
N GLU A 109 12.11 -19.25 23.79
CA GLU A 109 10.68 -19.45 23.77
C GLU A 109 10.12 -19.59 22.39
N ALA A 110 10.75 -18.92 21.43
CA ALA A 110 10.19 -18.82 20.10
C ALA A 110 11.22 -19.07 19.01
N VAL A 111 10.80 -19.79 17.96
CA VAL A 111 11.60 -19.96 16.74
C VAL A 111 10.71 -19.67 15.52
N HIS A 112 11.23 -18.87 14.59
CA HIS A 112 10.59 -18.58 13.33
C HIS A 112 11.40 -19.21 12.19
N ILE A 113 10.78 -20.10 11.46
CA ILE A 113 11.29 -20.75 10.26
C ILE A 113 11.10 -19.78 9.12
N ASN A 114 12.19 -19.29 8.54
CA ASN A 114 12.17 -18.06 7.71
C ASN A 114 12.93 -18.31 6.42
N PRO A 115 12.47 -19.21 5.55
CA PRO A 115 13.24 -19.60 4.37
C PRO A 115 12.94 -18.78 3.15
N LEU A 116 13.85 -18.78 2.20
CA LEU A 116 13.71 -18.01 0.97
C LEU A 116 13.17 -18.85 -0.18
N TRP A 117 13.32 -20.16 -0.16
CA TRP A 117 13.03 -21.04 -1.30
C TRP A 117 12.68 -22.43 -0.77
N TYR A 118 11.74 -23.12 -1.42
CA TYR A 118 11.29 -24.44 -0.99
C TYR A 118 12.40 -25.42 -1.21
N GLY A 119 12.80 -26.06 -0.10
CA GLY A 119 13.99 -26.92 -0.05
C GLY A 119 15.05 -26.40 0.92
N GLU A 120 15.05 -25.12 1.17
CA GLU A 120 15.97 -24.54 2.14
C GLU A 120 15.83 -25.22 3.53
N PHE A 121 14.57 -25.42 3.92
CA PHE A 121 14.20 -25.91 5.25
C PHE A 121 13.32 -27.14 5.00
N PRO A 122 13.95 -28.32 4.92
CA PRO A 122 13.14 -29.49 4.61
C PRO A 122 12.03 -29.69 5.62
N GLU A 123 10.88 -30.15 5.12
CA GLU A 123 9.70 -30.31 5.96
C GLU A 123 9.93 -31.27 7.11
N ASP A 124 10.78 -32.27 6.94
CA ASP A 124 11.13 -33.20 8.04
C ASP A 124 11.65 -32.50 9.26
N LEU A 125 12.24 -31.32 9.11
CA LEU A 125 12.75 -30.61 10.28
C LEU A 125 11.63 -30.04 11.14
N ILE A 126 10.43 -29.86 10.58
CA ILE A 126 9.37 -29.24 11.35
C ILE A 126 8.98 -29.98 12.66
N PRO A 127 8.71 -31.29 12.59
CA PRO A 127 8.40 -32.00 13.85
C PRO A 127 9.58 -32.06 14.79
N VAL A 128 10.80 -32.11 14.24
CA VAL A 128 12.00 -32.15 15.07
C VAL A 128 12.11 -30.84 15.87
N LEU A 129 11.92 -29.73 15.21
CA LEU A 129 11.99 -28.45 15.87
C LEU A 129 10.85 -28.19 16.83
N ARG A 130 9.67 -28.70 16.50
CA ARG A 130 8.52 -28.56 17.38
C ARG A 130 8.76 -29.03 18.78
N ARG A 131 9.52 -30.10 18.93
CA ARG A 131 9.80 -30.66 20.27
C ARG A 131 10.68 -29.76 21.13
N LYS A 132 11.36 -28.81 20.50
CA LYS A 132 12.37 -28.01 21.17
C LYS A 132 11.91 -26.63 21.56
N VAL A 133 10.71 -26.21 21.14
CA VAL A 133 10.30 -24.81 21.27
CA VAL A 133 10.35 -24.83 21.40
C VAL A 133 8.88 -24.68 21.76
N MET A 134 8.62 -23.65 22.54
CA MET A 134 7.29 -23.34 23.01
C MET A 134 6.39 -22.74 21.96
N PHE A 135 6.96 -21.83 21.17
CA PHE A 135 6.21 -21.11 20.16
C PHE A 135 6.94 -21.22 18.83
N LEU A 136 6.32 -21.86 17.86
CA LEU A 136 6.94 -22.17 16.56
C LEU A 136 6.16 -21.52 15.45
N SER A 137 6.81 -20.75 14.61
CA SER A 137 6.16 -20.10 13.49
C SER A 137 6.93 -20.35 12.18
N ALA A 138 6.28 -20.13 11.06
CA ALA A 138 6.94 -20.30 9.77
C ALA A 138 6.34 -19.37 8.74
N ASP A 139 7.15 -19.07 7.75
CA ASP A 139 6.80 -18.24 6.63
C ASP A 139 6.50 -19.11 5.41
N ALA A 140 5.31 -18.94 4.84
CA ALA A 140 4.90 -19.68 3.65
C ALA A 140 5.84 -19.55 2.48
N GLN A 141 6.58 -18.45 2.39
CA GLN A 141 7.51 -18.27 1.28
C GLN A 141 8.44 -19.50 1.13
N GLY A 142 8.84 -20.05 2.27
CA GLY A 142 9.73 -21.20 2.28
C GLY A 142 9.14 -22.50 1.78
N PHE A 143 7.84 -22.52 1.54
CA PHE A 143 7.15 -23.76 1.19
C PHE A 143 6.36 -23.67 -0.14
N VAL A 144 6.20 -22.43 -0.64
CA VAL A 144 5.49 -22.21 -1.92
C VAL A 144 6.32 -21.58 -3.02
N ARG A 145 7.47 -21.02 -2.67
N ARG A 145 7.45 -20.90 -2.68
CA ARG A 145 8.31 -20.43 -3.64
CA ARG A 145 8.38 -20.39 -3.72
C ARG A 145 9.39 -21.43 -4.09
C ARG A 145 9.35 -21.48 -4.08
N VAL A 146 9.23 -21.97 -5.28
CA VAL A 146 9.93 -23.16 -5.78
C VAL A 146 10.82 -22.80 -6.97
N PRO A 147 12.13 -23.15 -6.91
CA PRO A 147 12.97 -22.86 -8.05
C PRO A 147 12.68 -23.82 -9.20
N GLU A 148 12.48 -23.26 -10.38
N GLU A 148 12.44 -23.29 -10.38
CA GLU A 148 12.23 -24.00 -11.60
CA GLU A 148 12.28 -24.11 -11.57
C GLU A 148 13.09 -23.37 -12.70
C GLU A 148 13.10 -23.40 -12.64
N ASN A 149 14.22 -23.99 -13.01
CA ASN A 149 15.25 -23.37 -13.89
C ASN A 149 15.54 -21.96 -13.39
N GLU A 150 15.73 -21.91 -12.08
CA GLU A 150 16.00 -20.74 -11.31
C GLU A 150 14.83 -19.83 -10.97
N LYS A 151 13.87 -19.69 -11.87
CA LYS A 151 12.77 -18.80 -11.62
C LYS A 151 12.05 -19.34 -10.39
N LEU A 152 11.79 -18.46 -9.44
CA LEU A 152 11.06 -18.85 -8.21
C LEU A 152 9.58 -18.76 -8.54
N VAL A 153 8.95 -19.92 -8.70
N VAL A 153 8.93 -19.92 -8.68
CA VAL A 153 7.57 -19.97 -9.12
CA VAL A 153 7.56 -20.03 -9.17
C VAL A 153 6.73 -20.28 -7.89
C VAL A 153 6.64 -20.54 -8.07
N TYR A 154 5.45 -19.93 -7.94
CA TYR A 154 4.57 -20.16 -6.79
C TYR A 154 3.79 -21.45 -7.03
N ARG A 155 4.00 -22.41 -6.12
CA ARG A 155 3.33 -23.70 -6.15
C ARG A 155 2.69 -24.03 -4.81
N ASP A 156 1.57 -24.72 -4.87
CA ASP A 156 0.90 -25.15 -3.68
C ASP A 156 1.80 -26.04 -2.87
N TRP A 157 1.68 -25.92 -1.56
CA TRP A 157 2.46 -26.69 -0.62
C TRP A 157 1.73 -27.99 -0.38
N GLU A 158 2.20 -29.04 -1.05
CA GLU A 158 1.45 -30.30 -1.08
C GLU A 158 1.18 -30.90 0.28
N MET A 159 2.14 -30.78 1.20
N MET A 159 2.14 -30.81 1.19
CA MET A 159 2.00 -31.38 2.52
CA MET A 159 2.00 -31.40 2.52
C MET A 159 1.56 -30.36 3.59
C MET A 159 1.59 -30.37 3.58
N LYS A 160 0.93 -29.29 3.15
CA LYS A 160 0.48 -28.26 4.08
C LYS A 160 -0.43 -28.84 5.18
N GLU A 161 -1.32 -29.78 4.85
CA GLU A 161 -2.22 -30.25 5.89
C GLU A 161 -1.48 -31.11 6.93
N LYS A 162 -0.37 -31.72 6.57
CA LYS A 162 0.39 -32.46 7.56
C LYS A 162 1.12 -31.50 8.51
N TYR A 163 1.71 -30.45 7.96
CA TYR A 163 2.65 -29.67 8.73
C TYR A 163 2.06 -28.43 9.43
N LEU A 164 0.98 -27.85 8.91
CA LEU A 164 0.42 -26.63 9.53
C LEU A 164 0.03 -26.83 10.97
N LYS A 165 -0.41 -28.06 11.35
CA LYS A 165 -0.76 -28.32 12.78
C LYS A 165 0.37 -28.21 13.77
N TYR A 166 1.62 -28.22 13.27
CA TYR A 166 2.76 -28.05 14.11
C TYR A 166 3.03 -26.55 14.45
N LEU A 167 2.36 -25.62 13.78
CA LEU A 167 2.78 -24.19 13.85
C LEU A 167 1.80 -23.37 14.66
N ASP A 168 2.35 -22.69 15.67
CA ASP A 168 1.57 -21.71 16.46
C ASP A 168 1.19 -20.50 15.61
N LEU A 169 2.00 -20.15 14.62
CA LEU A 169 1.66 -19.05 13.73
C LEU A 169 2.19 -19.34 12.36
N PHE A 170 1.44 -18.96 11.32
CA PHE A 170 1.81 -19.14 9.97
C PHE A 170 1.70 -17.84 9.23
N LYS A 171 2.75 -17.42 8.53
CA LYS A 171 2.77 -16.16 7.84
C LYS A 171 2.61 -16.35 6.33
N VAL A 172 1.72 -15.56 5.71
CA VAL A 172 1.53 -15.50 4.30
C VAL A 172 1.45 -14.07 3.82
N ASP A 173 1.69 -13.85 2.54
CA ASP A 173 1.30 -12.65 1.88
C ASP A 173 0.24 -12.99 0.80
N SER A 174 -0.24 -11.97 0.11
CA SER A 174 -1.32 -12.18 -0.87
C SER A 174 -1.06 -13.33 -1.82
N ARG A 175 0.11 -13.28 -2.45
CA ARG A 175 0.42 -14.21 -3.52
C ARG A 175 0.55 -15.61 -2.93
N GLU A 176 1.14 -15.75 -1.76
CA GLU A 176 1.25 -17.06 -1.10
C GLU A 176 -0.10 -17.64 -0.74
N ALA A 177 -0.94 -16.79 -0.16
CA ALA A 177 -2.25 -17.22 0.30
C ALA A 177 -3.07 -17.71 -0.90
N GLU A 178 -3.07 -16.98 -1.99
CA GLU A 178 -3.79 -17.40 -3.19
C GLU A 178 -3.27 -18.73 -3.73
N THR A 179 -1.96 -18.93 -3.65
CA THR A 179 -1.33 -20.15 -4.14
C THR A 179 -1.81 -21.36 -3.32
N LEU A 180 -1.97 -21.15 -2.01
CA LEU A 180 -2.39 -22.20 -1.09
C LEU A 180 -3.89 -22.55 -1.15
N THR A 181 -4.69 -21.62 -1.67
CA THR A 181 -6.15 -21.74 -1.54
C THR A 181 -6.96 -21.62 -2.84
N GLY A 182 -6.36 -21.05 -3.89
CA GLY A 182 -7.08 -20.83 -5.14
C GLY A 182 -7.88 -19.56 -5.17
N THR A 183 -7.96 -18.84 -4.06
CA THR A 183 -8.75 -17.62 -3.99
C THR A 183 -7.90 -16.41 -3.66
N ASN A 184 -8.16 -15.31 -4.39
CA ASN A 184 -7.55 -14.03 -4.05
C ASN A 184 -8.33 -13.21 -3.01
N ASP A 185 -9.35 -13.79 -2.38
CA ASP A 185 -9.94 -13.12 -1.22
C ASP A 185 -9.14 -13.44 0.03
N LEU A 186 -8.43 -12.44 0.58
CA LEU A 186 -7.45 -12.75 1.61
C LEU A 186 -8.08 -13.29 2.86
N ARG A 187 -9.22 -12.73 3.24
CA ARG A 187 -9.93 -13.24 4.43
C ARG A 187 -10.40 -14.64 4.26
N GLU A 188 -11.00 -14.92 3.12
CA GLU A 188 -11.39 -16.27 2.86
C GLU A 188 -10.19 -17.24 2.83
N SER A 189 -9.04 -16.81 2.29
N SER A 189 -9.05 -16.79 2.29
CA SER A 189 -7.90 -17.69 2.29
CA SER A 189 -7.87 -17.61 2.30
C SER A 189 -7.45 -18.00 3.73
C SER A 189 -7.48 -18.00 3.73
N CYS A 190 -7.60 -17.01 4.62
CA CYS A 190 -7.26 -17.21 6.04
C CYS A 190 -8.19 -18.27 6.64
N ARG A 191 -9.47 -18.20 6.31
N ARG A 191 -9.49 -18.20 6.35
CA ARG A 191 -10.44 -19.21 6.77
CA ARG A 191 -10.41 -19.26 6.79
C ARG A 191 -10.06 -20.61 6.25
C ARG A 191 -9.92 -20.61 6.28
N ILE A 192 -9.65 -20.69 4.97
CA ILE A 192 -9.24 -21.96 4.37
C ILE A 192 -7.96 -22.48 5.02
N ILE A 193 -6.98 -21.60 5.16
CA ILE A 193 -5.70 -22.04 5.73
C ILE A 193 -5.85 -22.46 7.22
N ARG A 194 -6.71 -21.78 7.98
CA ARG A 194 -7.11 -22.26 9.32
C ARG A 194 -7.66 -23.66 9.23
N SER A 195 -8.52 -23.93 8.27
CA SER A 195 -9.12 -25.27 8.15
C SER A 195 -8.05 -26.35 7.87
N PHE A 196 -6.93 -25.98 7.24
CA PHE A 196 -5.82 -26.91 7.03
C PHE A 196 -5.05 -27.23 8.31
N GLY A 197 -5.32 -26.52 9.42
CA GLY A 197 -4.54 -26.76 10.66
C GLY A 197 -3.80 -25.63 11.29
N ALA A 198 -3.83 -24.46 10.63
CA ALA A 198 -3.16 -23.28 11.10
C ALA A 198 -3.87 -22.59 12.22
N LYS A 199 -3.23 -22.57 13.40
CA LYS A 199 -3.86 -21.99 14.60
C LYS A 199 -4.03 -20.46 14.55
N ILE A 200 -2.99 -19.76 14.16
CA ILE A 200 -3.02 -18.31 13.90
C ILE A 200 -2.38 -18.05 12.54
N ILE A 201 -3.02 -17.20 11.74
N ILE A 201 -3.06 -17.26 11.71
CA ILE A 201 -2.49 -16.81 10.46
CA ILE A 201 -2.53 -16.80 10.43
C ILE A 201 -2.25 -15.32 10.43
C ILE A 201 -2.21 -15.32 10.55
N LEU A 202 -1.04 -14.92 10.06
CA LEU A 202 -0.69 -13.51 9.87
C LEU A 202 -0.54 -13.33 8.37
N ALA A 203 -1.32 -12.44 7.78
CA ALA A 203 -1.39 -12.21 6.35
C ALA A 203 -1.08 -10.79 6.04
N THR A 204 -0.03 -10.53 5.29
CA THR A 204 0.25 -9.16 4.82
C THR A 204 -0.21 -8.95 3.38
N HIS A 205 -0.62 -7.73 3.10
CA HIS A 205 -1.06 -7.35 1.78
C HIS A 205 -0.77 -5.85 1.62
N ALA A 206 -0.98 -5.32 0.41
CA ALA A 206 -0.52 -3.98 0.10
C ALA A 206 -0.92 -2.96 1.19
N SER A 207 -2.15 -3.02 1.65
CA SER A 207 -2.65 -1.98 2.52
C SER A 207 -2.42 -2.27 4.00
N GLY A 208 -2.08 -3.51 4.38
CA GLY A 208 -2.00 -3.78 5.82
C GLY A 208 -1.79 -5.21 6.19
N VAL A 209 -2.22 -5.53 7.41
CA VAL A 209 -2.04 -6.86 7.95
CA VAL A 209 -1.99 -6.79 8.12
C VAL A 209 -3.37 -7.37 8.49
N ILE A 210 -3.56 -8.63 8.31
CA ILE A 210 -4.73 -9.33 8.80
C ILE A 210 -4.21 -10.45 9.66
N VAL A 211 -4.73 -10.58 10.89
CA VAL A 211 -4.45 -11.72 11.75
C VAL A 211 -5.74 -12.49 11.96
N PHE A 212 -5.67 -13.79 11.88
CA PHE A 212 -6.86 -14.63 11.98
C PHE A 212 -6.60 -15.82 12.90
N ASP A 213 -7.35 -15.91 14.00
CA ASP A 213 -7.28 -17.04 14.91
C ASP A 213 -8.65 -17.68 15.13
N GLY A 214 -9.57 -17.49 14.16
CA GLY A 214 -10.98 -17.83 14.32
C GLY A 214 -11.80 -16.55 14.27
N ASN A 215 -11.17 -15.49 14.76
N ASN A 215 -11.21 -15.47 14.75
CA ASN A 215 -11.64 -14.08 14.65
CA ASN A 215 -11.72 -14.10 14.45
C ASN A 215 -10.61 -13.30 13.80
C ASN A 215 -10.63 -13.31 13.77
N PHE A 216 -11.07 -12.23 13.14
CA PHE A 216 -10.19 -11.35 12.37
C PHE A 216 -9.83 -10.10 13.15
N TYR A 217 -8.58 -9.70 12.99
CA TYR A 217 -8.02 -8.46 13.50
C TYR A 217 -7.28 -7.84 12.33
N GLU A 218 -7.48 -6.55 12.09
CA GLU A 218 -6.84 -5.91 10.95
C GLU A 218 -6.22 -4.60 11.36
N ALA A 219 -5.11 -4.28 10.73
CA ALA A 219 -4.48 -2.98 10.90
C ALA A 219 -3.86 -2.55 9.60
N SER A 220 -3.99 -1.27 9.28
CA SER A 220 -3.51 -0.77 8.01
C SER A 220 -2.13 -0.14 8.14
N PHE A 221 -1.36 -0.17 7.08
CA PHE A 221 -0.07 0.51 7.06
C PHE A 221 -0.30 1.98 6.86
N ARG A 222 0.48 2.79 7.53
CA ARG A 222 0.30 4.22 7.39
C ARG A 222 1.46 4.97 6.76
N SER A 223 2.47 4.27 6.28
CA SER A 223 3.45 4.89 5.37
C SER A 223 4.10 3.81 4.54
N TRP A 224 4.72 4.21 3.44
CA TRP A 224 5.27 3.27 2.50
C TRP A 224 6.26 3.98 1.59
N SER A 225 7.15 3.20 0.99
CA SER A 225 7.94 3.64 -0.15
C SER A 225 8.28 2.47 -1.03
N LEU A 226 8.57 2.75 -2.29
CA LEU A 226 8.82 1.67 -3.24
C LEU A 226 10.05 0.86 -2.83
N GLU A 227 11.11 1.57 -2.49
CA GLU A 227 12.34 0.90 -2.08
C GLU A 227 12.31 0.39 -0.66
N GLY A 228 11.33 0.82 0.12
CA GLY A 228 11.16 0.25 1.45
C GLY A 228 10.29 -0.96 1.60
N ARG A 229 9.69 -1.44 0.50
CA ARG A 229 8.66 -2.48 0.61
C ARG A 229 9.27 -3.88 0.86
N THR A 230 10.46 -4.16 0.33
N THR A 230 10.43 -4.19 0.31
CA THR A 230 11.12 -5.44 0.59
CA THR A 230 10.97 -5.52 0.51
C THR A 230 11.35 -5.58 2.09
C THR A 230 11.44 -5.65 1.98
N GLY A 231 11.05 -6.75 2.63
CA GLY A 231 11.16 -6.99 4.04
C GLY A 231 9.96 -6.61 4.89
N ARG A 232 8.90 -6.11 4.24
CA ARG A 232 7.61 -5.79 4.87
C ARG A 232 7.16 -6.93 5.76
N GLY A 233 7.02 -8.09 5.14
CA GLY A 233 6.39 -9.19 5.84
C GLY A 233 7.25 -9.77 6.96
N ASP A 234 8.55 -9.81 6.73
CA ASP A 234 9.45 -10.29 7.79
C ASP A 234 9.49 -9.31 8.98
N THR A 235 9.48 -8.00 8.69
CA THR A 235 9.39 -7.00 9.76
C THR A 235 8.06 -7.15 10.52
N CYS A 236 6.96 -7.26 9.79
CA CYS A 236 5.69 -7.38 10.43
C CYS A 236 5.57 -8.66 11.28
N THR A 237 6.07 -9.77 10.77
CA THR A 237 6.03 -11.01 11.54
C THR A 237 6.79 -10.88 12.85
N ALA A 238 8.02 -10.34 12.76
CA ALA A 238 8.85 -10.21 13.96
C ALA A 238 8.21 -9.28 14.97
N ALA A 239 7.61 -8.16 14.48
CA ALA A 239 6.93 -7.25 15.41
C ALA A 239 5.74 -7.90 16.08
N PHE A 240 4.97 -8.68 15.32
CA PHE A 240 3.84 -9.36 15.91
C PHE A 240 4.29 -10.36 16.98
N LEU A 241 5.34 -11.12 16.69
CA LEU A 241 5.87 -12.09 17.64
C LEU A 241 6.36 -11.41 18.90
N VAL A 242 7.07 -10.30 18.76
CA VAL A 242 7.45 -9.55 19.90
C VAL A 242 6.24 -9.07 20.74
N GLY A 243 5.26 -8.48 20.07
CA GLY A 243 4.12 -7.92 20.81
C GLY A 243 3.32 -9.00 21.53
N PHE A 244 3.05 -10.08 20.82
CA PHE A 244 2.12 -11.09 21.28
C PHE A 244 2.79 -12.12 22.17
N VAL A 245 3.92 -12.62 21.76
CA VAL A 245 4.58 -13.68 22.52
C VAL A 245 5.36 -13.15 23.73
N PHE A 246 6.03 -12.01 23.58
CA PHE A 246 6.95 -11.53 24.59
C PHE A 246 6.44 -10.34 25.38
N LYS A 247 5.71 -9.42 24.76
CA LYS A 247 5.19 -8.26 25.51
C LYS A 247 3.80 -8.50 26.07
N LYS A 248 3.17 -9.62 25.73
CA LYS A 248 1.86 -10.03 26.27
C LYS A 248 0.74 -9.03 25.94
N MET A 249 0.87 -8.41 24.76
CA MET A 249 -0.18 -7.62 24.18
C MET A 249 -1.31 -8.57 23.78
N SER A 250 -2.55 -8.10 23.86
CA SER A 250 -3.64 -8.80 23.23
C SER A 250 -3.37 -9.00 21.75
N ILE A 251 -4.01 -10.00 21.16
CA ILE A 251 -3.90 -10.20 19.72
C ILE A 251 -4.30 -8.96 18.93
N GLU A 252 -5.36 -8.26 19.33
CA GLU A 252 -5.78 -7.04 18.61
C GLU A 252 -4.70 -5.97 18.70
N LYS A 253 -4.13 -5.76 19.89
CA LYS A 253 -3.09 -4.77 20.07
C LYS A 253 -1.79 -5.16 19.34
N ALA A 254 -1.39 -6.44 19.40
CA ALA A 254 -0.19 -6.89 18.69
C ALA A 254 -0.32 -6.70 17.19
N THR A 255 -1.52 -6.87 16.67
CA THR A 255 -1.78 -6.64 15.20
C THR A 255 -1.55 -5.16 14.81
N LYS A 256 -2.08 -4.25 15.62
CA LYS A 256 -1.89 -2.82 15.40
C LYS A 256 -0.43 -2.47 15.56
N PHE A 257 0.23 -3.05 16.55
CA PHE A 257 1.67 -2.82 16.77
C PHE A 257 2.51 -3.28 15.58
N ALA A 258 2.24 -4.49 15.09
CA ALA A 258 2.96 -5.03 13.95
C ALA A 258 2.82 -4.10 12.76
N ALA A 259 1.60 -3.64 12.50
CA ALA A 259 1.38 -2.69 11.38
C ALA A 259 2.19 -1.41 11.58
N ALA A 260 2.23 -0.92 12.81
CA ALA A 260 2.87 0.36 13.11
C ALA A 260 4.38 0.27 12.86
N VAL A 261 4.99 -0.82 13.31
CA VAL A 261 6.42 -1.06 13.12
C VAL A 261 6.76 -1.26 11.63
N THR A 262 5.94 -2.04 10.94
CA THR A 262 6.14 -2.22 9.52
C THR A 262 6.07 -0.90 8.76
N SER A 263 5.09 -0.07 9.12
CA SER A 263 4.91 1.20 8.43
C SER A 263 6.15 2.06 8.50
N VAL A 264 6.73 2.18 9.69
CA VAL A 264 7.90 3.05 9.84
C VAL A 264 9.14 2.46 9.18
N LYS A 265 9.26 1.13 9.12
CA LYS A 265 10.37 0.48 8.40
C LYS A 265 10.24 0.69 6.88
N MET A 266 9.03 0.72 6.40
CA MET A 266 8.79 0.84 4.92
C MET A 266 9.11 2.20 4.37
N ARG A 267 9.49 3.14 5.21
CA ARG A 267 9.82 4.51 4.73
C ARG A 267 11.21 4.58 4.09
N HIS A 268 11.98 3.51 4.18
CA HIS A 268 13.35 3.51 3.69
C HIS A 268 13.80 2.10 3.29
N PRO A 269 14.89 2.01 2.51
CA PRO A 269 15.44 0.69 2.23
C PRO A 269 16.04 -0.01 3.47
N GLY A 270 16.22 -1.30 3.40
CA GLY A 270 16.89 -2.04 4.43
C GLY A 270 16.05 -2.25 5.69
N PRO A 271 16.66 -2.87 6.71
CA PRO A 271 15.94 -3.18 7.95
C PRO A 271 15.50 -2.00 8.77
N LEU A 272 14.61 -2.28 9.74
CA LEU A 272 14.19 -1.28 10.72
C LEU A 272 15.38 -0.60 11.34
N ARG A 273 15.23 0.69 11.64
CA ARG A 273 16.26 1.54 12.28
C ARG A 273 15.67 2.00 13.60
N ARG A 274 16.51 2.25 14.60
N ARG A 274 16.51 2.26 14.58
CA ARG A 274 15.98 2.65 15.92
CA ARG A 274 16.00 2.67 15.90
C ARG A 274 15.14 3.91 15.86
C ARG A 274 15.12 3.89 15.83
N GLU A 275 15.55 4.88 15.05
CA GLU A 275 14.78 6.11 14.93
C GLU A 275 13.39 5.87 14.40
N ASP A 276 13.19 4.79 13.64
CA ASP A 276 11.87 4.52 13.13
C ASP A 276 10.81 4.44 14.21
N LEU A 277 11.19 3.89 15.32
CA LEU A 277 10.26 3.65 16.44
C LEU A 277 9.69 4.94 17.02
N GLU A 278 10.41 6.07 16.86
CA GLU A 278 9.96 7.36 17.37
C GLU A 278 8.82 7.93 16.56
N ALA A 279 8.62 7.40 15.36
CA ALA A 279 7.56 7.89 14.49
C ALA A 279 6.25 7.13 14.70
N ILE A 280 6.24 6.17 15.60
CA ILE A 280 4.99 5.52 16.02
C ILE A 280 4.33 6.35 17.11
N SER A 281 3.02 6.48 17.09
CA SER A 281 2.30 6.94 18.28
C SER A 281 1.70 5.78 19.07
N GLY A 282 1.76 5.85 20.40
CA GLY A 282 1.07 4.86 21.24
C GLY A 282 -0.45 4.90 21.09
N ASP A 283 -0.96 6.05 20.61
CA ASP A 283 -2.38 6.25 20.25
C ASP A 283 -2.82 5.22 19.17
N GLN A 284 -1.88 4.80 18.32
CA GLN A 284 -2.14 3.82 17.26
C GLN A 284 -2.60 2.41 17.66
N TYR A 285 -2.22 1.94 18.85
CA TYR A 285 -2.21 0.47 19.10
C TYR A 285 -2.36 0.15 20.57
N MET B 1 -6.74 26.90 -20.92
CA MET B 1 -7.06 26.92 -19.46
C MET B 1 -7.76 25.63 -19.10
N ILE B 2 -7.75 25.33 -17.80
CA ILE B 2 -8.58 24.22 -17.26
C ILE B 2 -9.44 24.81 -16.17
N THR B 3 -10.69 24.31 -16.11
CA THR B 3 -11.58 24.66 -15.00
C THR B 3 -11.92 23.41 -14.21
N PHE B 4 -11.76 23.53 -12.89
CA PHE B 4 -12.23 22.51 -11.97
C PHE B 4 -13.59 22.93 -11.37
N ILE B 5 -14.55 22.02 -11.34
CA ILE B 5 -15.88 22.31 -10.77
C ILE B 5 -16.05 21.40 -9.59
N GLY B 6 -16.04 21.98 -8.42
CA GLY B 6 -16.25 21.16 -7.22
C GLY B 6 -16.35 21.97 -5.97
N HIS B 7 -16.98 21.36 -4.97
CA HIS B 7 -17.05 22.02 -3.66
C HIS B 7 -15.68 22.15 -2.99
N VAL B 8 -15.41 23.34 -2.45
CA VAL B 8 -14.40 23.46 -1.39
C VAL B 8 -14.95 22.82 -0.11
N SER B 9 -14.07 22.42 0.80
CA SER B 9 -14.51 21.77 2.04
C SER B 9 -13.74 22.24 3.27
N LYS B 10 -14.44 22.31 4.38
CA LYS B 10 -13.83 22.49 5.70
C LYS B 10 -13.68 21.08 6.29
N ASP B 11 -12.49 20.53 6.18
CA ASP B 11 -12.25 19.16 6.69
C ASP B 11 -11.83 19.18 8.16
N VAL B 12 -12.37 18.23 8.93
CA VAL B 12 -11.90 17.92 10.26
C VAL B 12 -11.33 16.51 10.21
N ASN B 13 -10.02 16.40 10.35
CA ASN B 13 -9.32 15.10 10.21
C ASN B 13 -8.94 14.63 11.58
N VAL B 14 -9.40 13.45 11.94
CA VAL B 14 -9.20 12.91 13.28
C VAL B 14 -8.33 11.68 13.12
N VAL B 15 -7.13 11.68 13.69
CA VAL B 15 -6.25 10.50 13.62
C VAL B 15 -5.95 10.02 14.99
N ASP B 16 -6.28 8.75 15.27
CA ASP B 16 -6.13 8.16 16.59
C ASP B 16 -6.71 9.14 17.63
N GLY B 17 -7.88 9.70 17.32
CA GLY B 17 -8.56 10.61 18.23
C GLY B 17 -8.12 12.07 18.25
N LYS B 18 -6.96 12.41 17.66
CA LYS B 18 -6.46 13.80 17.57
C LYS B 18 -7.00 14.63 16.36
N ARG B 19 -7.55 15.84 16.58
CA ARG B 19 -8.14 16.64 15.46
C ARG B 19 -7.18 17.59 14.76
N GLU B 20 -7.36 17.73 13.45
CA GLU B 20 -6.69 18.78 12.68
C GLU B 20 -7.69 19.35 11.69
N ILE B 21 -7.60 20.65 11.41
CA ILE B 21 -8.46 21.32 10.43
C ILE B 21 -7.70 21.47 9.14
N ALA B 22 -8.39 21.20 8.05
CA ALA B 22 -7.82 21.40 6.72
C ALA B 22 -8.79 22.10 5.80
N TYR B 23 -8.29 22.99 4.92
CA TYR B 23 -9.12 23.66 3.94
C TYR B 23 -8.61 23.49 2.52
N GLY B 24 -7.55 22.70 2.33
CA GLY B 24 -6.91 22.56 1.02
C GLY B 24 -7.25 21.27 0.28
N GLY B 25 -8.30 20.58 0.74
CA GLY B 25 -8.79 19.39 0.07
C GLY B 25 -9.87 19.79 -0.92
N GLY B 26 -10.72 18.82 -1.23
CA GLY B 26 -11.75 19.04 -2.19
C GLY B 26 -11.18 19.47 -3.54
N VAL B 27 -11.80 20.50 -4.12
CA VAL B 27 -11.43 20.99 -5.48
C VAL B 27 -10.03 21.70 -5.55
N VAL B 28 -9.52 22.11 -4.39
CA VAL B 28 -8.28 22.82 -4.22
C VAL B 28 -7.05 22.00 -4.63
N MET B 29 -7.03 20.73 -4.28
CA MET B 29 -5.86 19.89 -4.55
C MET B 29 -5.50 19.89 -6.02
N GLY B 30 -6.49 19.58 -6.89
CA GLY B 30 -6.20 19.52 -8.29
C GLY B 30 -5.88 20.85 -8.89
N ALA B 31 -6.64 21.87 -8.49
CA ALA B 31 -6.47 23.21 -9.04
C ALA B 31 -5.13 23.80 -8.76
N ILE B 32 -4.65 23.59 -7.55
CA ILE B 32 -3.34 24.10 -7.16
C ILE B 32 -2.23 23.34 -7.96
N THR B 33 -2.41 22.02 -8.17
CA THR B 33 -1.49 21.23 -8.98
C THR B 33 -1.39 21.80 -10.40
N SER B 34 -2.52 21.99 -11.09
CA SER B 34 -2.41 22.40 -12.49
C SER B 34 -1.81 23.80 -12.58
N SER B 35 -2.18 24.67 -11.65
CA SER B 35 -1.65 26.04 -11.58
C SER B 35 -0.14 26.04 -11.44
N LEU B 36 0.35 25.27 -10.48
CA LEU B 36 1.78 25.28 -10.19
C LEU B 36 2.59 24.62 -11.29
N LEU B 37 1.97 23.71 -12.04
CA LEU B 37 2.60 23.10 -13.20
C LEU B 37 2.53 23.97 -14.48
N GLY B 38 1.93 25.16 -14.39
CA GLY B 38 1.98 26.14 -15.48
C GLY B 38 0.80 26.22 -16.44
N VAL B 39 -0.35 25.61 -16.10
CA VAL B 39 -1.56 25.77 -16.89
C VAL B 39 -2.47 26.70 -16.10
N LYS B 40 -2.94 27.76 -16.76
N LYS B 40 -2.92 27.76 -16.74
CA LYS B 40 -3.86 28.72 -16.11
CA LYS B 40 -3.85 28.71 -16.11
C LYS B 40 -5.14 27.97 -15.73
C LYS B 40 -5.11 27.96 -15.71
N THR B 41 -5.51 28.15 -14.46
CA THR B 41 -6.52 27.35 -13.82
C THR B 41 -7.63 28.17 -13.21
N LYS B 42 -8.86 27.69 -13.37
CA LYS B 42 -9.96 28.25 -12.64
C LYS B 42 -10.74 27.22 -11.85
N VAL B 43 -11.25 27.69 -10.70
CA VAL B 43 -12.20 26.93 -9.89
C VAL B 43 -13.58 27.59 -9.88
N ILE B 44 -14.62 26.76 -10.10
CA ILE B 44 -16.01 27.12 -9.84
C ILE B 44 -16.42 26.33 -8.60
N THR B 45 -16.81 27.06 -7.55
CA THR B 45 -17.18 26.44 -6.29
C THR B 45 -18.33 27.19 -5.64
N LYS B 46 -18.81 26.63 -4.54
CA LYS B 46 -19.91 27.16 -3.77
C LYS B 46 -19.59 27.01 -2.32
N CYS B 47 -19.95 28.02 -1.53
CA CYS B 47 -19.85 27.94 -0.06
C CYS B 47 -20.53 29.18 0.51
N THR B 48 -20.61 29.28 1.83
CA THR B 48 -21.17 30.49 2.42
C THR B 48 -20.26 31.71 2.17
N ARG B 49 -20.89 32.89 2.17
CA ARG B 49 -20.17 34.16 2.13
C ARG B 49 -19.07 34.22 3.21
N GLU B 50 -19.40 33.74 4.40
CA GLU B 50 -18.50 33.80 5.56
C GLU B 50 -17.31 32.88 5.45
N ASP B 51 -17.47 31.78 4.76
CA ASP B 51 -16.35 30.84 4.62
C ASP B 51 -15.43 31.07 3.43
N VAL B 52 -15.69 32.08 2.58
CA VAL B 52 -14.85 32.27 1.41
C VAL B 52 -13.40 32.54 1.85
N SER B 53 -13.24 33.16 3.01
CA SER B 53 -11.90 33.49 3.46
C SER B 53 -11.09 32.34 3.98
N LYS B 54 -11.73 31.25 4.35
CA LYS B 54 -11.00 30.02 4.69
C LYS B 54 -10.23 29.52 3.46
N PHE B 55 -10.62 29.95 2.24
CA PHE B 55 -10.00 29.51 1.01
C PHE B 55 -9.23 30.65 0.36
N SER B 56 -8.81 31.63 1.17
CA SER B 56 -8.24 32.88 0.69
C SER B 56 -6.86 32.68 0.05
N PHE B 57 -6.29 31.51 0.29
CA PHE B 57 -4.93 31.16 -0.16
C PHE B 57 -4.86 30.81 -1.65
N LEU B 58 -6.01 30.68 -2.32
CA LEU B 58 -5.99 30.33 -3.74
C LEU B 58 -5.27 31.32 -4.67
N ARG B 59 -5.43 32.64 -4.46
CA ARG B 59 -4.75 33.63 -5.31
C ARG B 59 -3.25 33.45 -5.25
N ASP B 60 -2.73 33.25 -4.04
CA ASP B 60 -1.29 33.13 -3.82
C ASP B 60 -0.74 31.92 -4.61
N ASN B 61 -1.57 30.92 -4.88
CA ASN B 61 -1.16 29.80 -5.70
C ASN B 61 -1.52 29.92 -7.17
N GLY B 62 -1.97 31.09 -7.60
CA GLY B 62 -2.29 31.43 -8.98
C GLY B 62 -3.61 30.92 -9.52
N VAL B 63 -4.48 30.43 -8.66
CA VAL B 63 -5.76 29.85 -9.06
C VAL B 63 -6.84 30.91 -9.04
N GLU B 64 -7.49 31.07 -10.19
CA GLU B 64 -8.64 31.95 -10.34
C GLU B 64 -9.85 31.21 -9.79
N VAL B 65 -10.78 31.95 -9.21
CA VAL B 65 -11.88 31.28 -8.51
C VAL B 65 -13.12 32.18 -8.50
N VAL B 66 -14.27 31.54 -8.66
CA VAL B 66 -15.53 32.20 -8.38
C VAL B 66 -16.20 31.40 -7.29
N PHE B 67 -16.63 32.13 -6.26
CA PHE B 67 -17.38 31.50 -5.16
C PHE B 67 -18.85 31.84 -5.32
N LEU B 68 -19.67 30.88 -5.70
CA LEU B 68 -21.09 31.11 -5.88
C LEU B 68 -21.79 30.87 -4.56
N LYS B 69 -22.92 31.51 -4.36
CA LYS B 69 -23.53 31.45 -3.04
C LYS B 69 -24.19 30.11 -2.72
N SER B 70 -24.10 29.75 -1.44
CA SER B 70 -24.81 28.60 -0.90
C SER B 70 -25.11 28.93 0.55
N PRO B 71 -26.21 28.42 1.10
CA PRO B 71 -26.51 28.67 2.51
C PRO B 71 -25.64 27.87 3.44
N ARG B 72 -25.03 26.78 2.94
CA ARG B 72 -24.04 26.03 3.73
C ARG B 72 -22.76 25.82 2.94
N THR B 73 -21.69 25.52 3.67
CA THR B 73 -20.42 25.17 3.13
C THR B 73 -20.28 23.67 3.37
N THR B 74 -19.72 22.96 2.43
CA THR B 74 -19.39 21.53 2.64
C THR B 74 -18.31 21.37 3.69
N SER B 75 -18.53 20.41 4.61
CA SER B 75 -17.58 20.14 5.68
C SER B 75 -17.64 18.65 5.91
N ILE B 76 -16.45 18.06 6.03
CA ILE B 76 -16.31 16.61 6.14
C ILE B 76 -15.44 16.27 7.32
N GLU B 77 -15.86 15.26 8.07
CA GLU B 77 -15.03 14.72 9.14
C GLU B 77 -14.45 13.40 8.67
N ASN B 78 -13.11 13.29 8.67
CA ASN B 78 -12.41 12.09 8.21
C ASN B 78 -11.81 11.45 9.42
N ARG B 79 -12.36 10.31 9.79
CA ARG B 79 -11.84 9.56 10.93
C ARG B 79 -10.88 8.49 10.43
N TYR B 80 -9.69 8.48 10.97
CA TYR B 80 -8.72 7.42 10.69
C TYR B 80 -8.23 6.75 11.97
N GLY B 81 -8.21 5.42 11.96
CA GLY B 81 -7.49 4.63 12.95
C GLY B 81 -6.79 3.44 12.30
N SER B 82 -6.06 2.64 13.08
CA SER B 82 -5.36 1.43 12.63
C SER B 82 -6.31 0.47 11.90
N ASP B 83 -7.51 0.27 12.47
CA ASP B 83 -8.47 -0.69 11.92
C ASP B 83 -9.12 -0.11 10.67
N PRO B 84 -9.04 -0.80 9.53
CA PRO B 84 -9.68 -0.31 8.31
C PRO B 84 -11.19 -0.09 8.44
N ASP B 85 -11.87 -0.82 9.32
CA ASP B 85 -13.27 -0.55 9.58
C ASP B 85 -13.50 0.85 10.17
N THR B 86 -12.53 1.39 10.92
CA THR B 86 -12.54 2.81 11.41
C THR B 86 -12.45 3.90 10.37
N ARG B 87 -11.86 3.61 9.22
CA ARG B 87 -11.70 4.61 8.19
C ARG B 87 -13.08 4.99 7.64
N GLU B 88 -13.55 6.18 8.03
CA GLU B 88 -14.91 6.61 7.73
C GLU B 88 -14.92 8.09 7.57
N SER B 89 -15.76 8.53 6.67
CA SER B 89 -15.92 9.95 6.44
C SER B 89 -17.38 10.31 6.63
N PHE B 90 -17.63 11.50 7.22
CA PHE B 90 -18.99 12.01 7.37
C PHE B 90 -19.13 13.38 6.74
N LEU B 91 -20.26 13.60 6.09
CA LEU B 91 -20.62 14.90 5.60
C LEU B 91 -21.32 15.65 6.71
N ILE B 92 -20.56 16.47 7.39
CA ILE B 92 -21.09 17.33 8.47
C ILE B 92 -22.15 18.24 7.90
N SER B 93 -21.84 18.86 6.77
CA SER B 93 -22.74 19.81 6.12
C SER B 93 -22.44 19.77 4.63
N ALA B 94 -23.40 20.16 3.83
CA ALA B 94 -23.24 20.12 2.35
C ALA B 94 -23.68 21.41 1.71
N ALA B 95 -22.81 22.01 0.89
CA ALA B 95 -23.18 23.14 0.05
C ALA B 95 -24.17 22.68 -1.01
N ASP B 96 -24.86 23.64 -1.60
CA ASP B 96 -25.85 23.35 -2.62
C ASP B 96 -25.19 22.71 -3.83
N PRO B 97 -25.93 21.82 -4.50
CA PRO B 97 -25.42 21.30 -5.78
C PRO B 97 -25.17 22.36 -6.83
N PHE B 98 -24.30 22.00 -7.77
CA PHE B 98 -24.11 22.75 -9.02
C PHE B 98 -25.36 22.68 -9.87
N THR B 99 -25.56 23.76 -10.65
CA THR B 99 -26.70 23.85 -11.58
C THR B 99 -26.14 24.25 -12.92
N GLU B 100 -27.00 24.22 -13.95
CA GLU B 100 -26.61 24.55 -15.28
C GLU B 100 -26.16 25.99 -15.39
N SER B 101 -26.81 26.89 -14.65
CA SER B 101 -26.41 28.30 -14.62
C SER B 101 -24.96 28.49 -14.17
N ASP B 102 -24.47 27.65 -13.24
CA ASP B 102 -23.09 27.76 -12.75
C ASP B 102 -22.05 27.47 -13.83
N LEU B 103 -22.45 26.74 -14.88
CA LEU B 103 -21.54 26.42 -15.98
C LEU B 103 -21.17 27.65 -16.83
N ALA B 104 -21.87 28.76 -16.65
CA ALA B 104 -21.52 29.98 -17.34
C ALA B 104 -20.13 30.45 -17.05
N PHE B 105 -19.57 29.98 -15.95
CA PHE B 105 -18.28 30.44 -15.47
C PHE B 105 -17.12 29.62 -15.97
N ILE B 106 -17.37 28.61 -16.79
CA ILE B 106 -16.27 27.80 -17.31
C ILE B 106 -15.32 28.64 -18.18
N GLU B 107 -14.02 28.43 -17.99
CA GLU B 107 -12.99 28.99 -18.86
C GLU B 107 -12.06 27.87 -19.37
N GLY B 108 -11.71 27.91 -20.65
CA GLY B 108 -10.79 26.97 -21.25
C GLY B 108 -11.51 25.80 -21.89
N GLU B 109 -10.73 24.88 -22.43
CA GLU B 109 -11.32 23.76 -23.17
C GLU B 109 -11.13 22.42 -22.47
N ALA B 110 -10.69 22.42 -21.22
CA ALA B 110 -10.80 21.27 -20.36
C ALA B 110 -11.50 21.63 -19.10
N VAL B 111 -12.37 20.71 -18.67
CA VAL B 111 -13.07 20.80 -17.38
C VAL B 111 -12.94 19.46 -16.68
N HIS B 112 -12.65 19.54 -15.38
CA HIS B 112 -12.67 18.37 -14.54
C HIS B 112 -13.82 18.54 -13.51
N ILE B 113 -14.72 17.57 -13.52
CA ILE B 113 -15.83 17.46 -12.58
C ILE B 113 -15.26 16.77 -11.36
N ASN B 114 -15.22 17.49 -10.27
CA ASN B 114 -14.42 17.13 -9.12
C ASN B 114 -15.27 17.15 -7.81
N PRO B 115 -16.23 16.24 -7.65
CA PRO B 115 -17.16 16.32 -6.51
C PRO B 115 -16.77 15.47 -5.36
N LEU B 116 -17.21 15.86 -4.18
CA LEU B 116 -16.98 15.16 -2.92
C LEU B 116 -18.04 14.12 -2.61
N TRP B 117 -19.26 14.33 -3.13
CA TRP B 117 -20.36 13.47 -2.74
C TRP B 117 -21.38 13.42 -3.84
N TYR B 118 -22.00 12.25 -3.99
CA TYR B 118 -23.02 12.01 -5.01
C TYR B 118 -24.25 12.89 -4.81
N GLY B 119 -24.48 13.75 -5.82
CA GLY B 119 -25.45 14.83 -5.72
C GLY B 119 -24.89 16.22 -5.77
N GLU B 120 -23.63 16.36 -5.42
CA GLU B 120 -22.97 17.68 -5.58
C GLU B 120 -23.01 18.15 -7.02
N PHE B 121 -22.76 17.24 -7.97
CA PHE B 121 -22.73 17.55 -9.39
C PHE B 121 -23.76 16.64 -10.06
N PRO B 122 -24.95 17.17 -10.38
N PRO B 122 -24.92 17.18 -10.42
CA PRO B 122 -25.98 16.37 -11.04
CA PRO B 122 -25.93 16.31 -10.98
C PRO B 122 -25.48 15.70 -12.32
C PRO B 122 -25.48 15.70 -12.30
N GLU B 123 -25.70 14.39 -12.42
CA GLU B 123 -25.25 13.63 -13.57
C GLU B 123 -25.88 14.09 -14.87
N ASP B 124 -27.09 14.64 -14.81
CA ASP B 124 -27.70 15.14 -16.03
C ASP B 124 -27.07 16.46 -16.58
N LEU B 125 -26.19 17.12 -15.82
CA LEU B 125 -25.36 18.21 -16.38
C LEU B 125 -24.17 17.70 -17.21
N ILE B 126 -23.84 16.39 -17.13
CA ILE B 126 -22.69 15.87 -17.88
C ILE B 126 -22.85 16.12 -19.40
N PRO B 127 -24.02 15.76 -20.02
CA PRO B 127 -24.16 16.05 -21.44
C PRO B 127 -24.20 17.54 -21.82
N VAL B 128 -24.71 18.39 -20.93
CA VAL B 128 -24.69 19.84 -21.11
C VAL B 128 -23.24 20.38 -21.18
N LEU B 129 -22.45 19.95 -20.20
CA LEU B 129 -21.04 20.26 -20.14
C LEU B 129 -20.22 19.76 -21.31
N ARG B 130 -20.49 18.53 -21.71
CA ARG B 130 -19.85 17.90 -22.84
C ARG B 130 -19.86 18.79 -24.09
N ARG B 131 -21.01 19.41 -24.34
CA ARG B 131 -21.18 20.28 -25.50
C ARG B 131 -20.25 21.52 -25.43
N LYS B 132 -19.82 21.91 -24.22
CA LYS B 132 -19.06 23.16 -23.98
C LYS B 132 -17.51 23.07 -23.99
N VAL B 133 -16.93 21.87 -23.89
CA VAL B 133 -15.48 21.72 -23.82
C VAL B 133 -14.97 20.59 -24.68
N MET B 134 -13.67 20.66 -25.04
CA MET B 134 -13.01 19.63 -25.85
C MET B 134 -12.56 18.46 -25.04
N PHE B 135 -12.22 18.69 -23.76
CA PHE B 135 -11.78 17.59 -22.91
C PHE B 135 -12.53 17.64 -21.61
N LEU B 136 -13.26 16.57 -21.31
CA LEU B 136 -14.06 16.49 -20.10
C LEU B 136 -13.64 15.29 -19.27
N SER B 137 -13.38 15.53 -17.98
CA SER B 137 -13.00 14.48 -17.07
C SER B 137 -13.82 14.53 -15.81
N ALA B 138 -13.82 13.42 -15.06
CA ALA B 138 -14.58 13.39 -13.81
C ALA B 138 -13.99 12.40 -12.86
N ASP B 139 -14.28 12.59 -11.57
N ASP B 139 -14.28 12.63 -11.57
CA ASP B 139 -13.79 11.74 -10.48
CA ASP B 139 -13.92 11.76 -10.47
C ASP B 139 -14.94 10.89 -9.93
C ASP B 139 -15.06 10.86 -10.11
N ALA B 140 -14.76 9.57 -9.98
CA ALA B 140 -15.75 8.65 -9.50
C ALA B 140 -16.26 8.93 -8.12
N GLN B 141 -15.42 9.54 -7.26
CA GLN B 141 -15.88 9.87 -5.89
C GLN B 141 -17.23 10.57 -5.91
N GLY B 142 -17.44 11.42 -6.91
CA GLY B 142 -18.63 12.26 -6.95
C GLY B 142 -19.85 11.51 -7.42
N PHE B 143 -19.73 10.20 -7.74
CA PHE B 143 -20.87 9.38 -8.24
C PHE B 143 -21.01 8.07 -7.52
N VAL B 144 -20.04 7.68 -6.68
CA VAL B 144 -20.19 6.50 -5.89
C VAL B 144 -20.16 6.75 -4.39
N ARG B 145 -19.75 7.95 -3.94
CA ARG B 145 -19.62 8.16 -2.48
C ARG B 145 -20.85 8.95 -2.10
N VAL B 146 -21.79 8.30 -1.41
N VAL B 146 -21.78 8.34 -1.39
CA VAL B 146 -23.15 8.75 -1.15
CA VAL B 146 -23.08 8.91 -1.22
C VAL B 146 -23.34 9.01 0.36
C VAL B 146 -23.35 9.04 0.30
N PRO B 147 -23.84 10.20 0.75
CA PRO B 147 -24.17 10.37 2.16
C PRO B 147 -25.45 9.64 2.55
N GLU B 148 -25.39 8.90 3.68
CA GLU B 148 -26.53 8.19 4.24
C GLU B 148 -26.46 8.46 5.73
N ASN B 149 -27.36 9.30 6.24
CA ASN B 149 -27.31 9.75 7.64
C ASN B 149 -25.94 10.34 7.94
N GLU B 150 -25.51 11.15 6.98
CA GLU B 150 -24.25 11.89 6.95
C GLU B 150 -23.01 11.00 6.78
N LYS B 151 -23.11 9.68 6.90
CA LYS B 151 -21.97 8.80 6.64
C LYS B 151 -21.78 8.66 5.16
N LEU B 152 -20.54 8.81 4.69
CA LEU B 152 -20.23 8.71 3.24
C LEU B 152 -19.92 7.25 2.91
N VAL B 153 -20.86 6.61 2.22
CA VAL B 153 -20.79 5.16 1.90
C VAL B 153 -20.60 4.97 0.40
N TYR B 154 -20.21 3.77 0.00
CA TYR B 154 -19.91 3.49 -1.37
C TYR B 154 -21.04 2.70 -1.99
N ARG B 155 -21.64 3.27 -3.04
CA ARG B 155 -22.72 2.61 -3.81
C ARG B 155 -22.42 2.72 -5.30
N ASP B 156 -22.83 1.71 -6.07
CA ASP B 156 -22.57 1.69 -7.51
C ASP B 156 -23.28 2.89 -8.16
N TRP B 157 -22.70 3.36 -9.26
CA TRP B 157 -23.27 4.48 -10.00
C TRP B 157 -24.27 3.93 -10.97
N GLU B 158 -25.55 4.02 -10.60
CA GLU B 158 -26.61 3.35 -11.36
C GLU B 158 -26.65 3.74 -12.83
N MET B 159 -26.42 5.02 -13.13
N MET B 159 -26.44 5.03 -13.13
CA MET B 159 -26.43 5.46 -14.52
CA MET B 159 -26.44 5.48 -14.51
C MET B 159 -25.03 5.56 -15.18
C MET B 159 -25.04 5.59 -15.16
N LYS B 160 -24.04 4.86 -14.63
CA LYS B 160 -22.66 4.86 -15.24
C LYS B 160 -22.61 4.52 -16.77
N GLU B 161 -23.43 3.57 -17.20
CA GLU B 161 -23.41 3.15 -18.62
C GLU B 161 -23.94 4.24 -19.53
N LYS B 162 -24.80 5.11 -18.99
CA LYS B 162 -25.31 6.26 -19.72
C LYS B 162 -24.25 7.32 -19.83
N TYR B 163 -23.62 7.63 -18.71
CA TYR B 163 -22.83 8.86 -18.63
C TYR B 163 -21.36 8.71 -18.87
N LEU B 164 -20.78 7.53 -18.68
CA LEU B 164 -19.32 7.38 -18.92
C LEU B 164 -18.89 7.65 -20.37
N LYS B 165 -19.76 7.43 -21.34
CA LYS B 165 -19.41 7.68 -22.74
C LYS B 165 -19.15 9.17 -23.04
N TYR B 166 -19.57 10.06 -22.15
CA TYR B 166 -19.31 11.47 -22.34
C TYR B 166 -17.93 11.87 -21.87
N LEU B 167 -17.20 10.96 -21.23
CA LEU B 167 -15.95 11.37 -20.60
C LEU B 167 -14.71 10.98 -21.36
N ASP B 168 -13.80 11.94 -21.45
CA ASP B 168 -12.48 11.67 -22.02
C ASP B 168 -11.52 11.00 -21.00
N LEU B 169 -11.78 11.25 -19.72
CA LEU B 169 -11.00 10.64 -18.66
C LEU B 169 -11.86 10.46 -17.44
N PHE B 170 -11.76 9.31 -16.80
CA PHE B 170 -12.47 9.04 -15.58
C PHE B 170 -11.51 8.53 -14.52
N LYS B 171 -11.48 9.15 -13.32
CA LYS B 171 -10.55 8.78 -12.26
C LYS B 171 -11.25 7.92 -11.23
N VAL B 172 -10.65 6.79 -10.89
CA VAL B 172 -11.09 5.95 -9.77
C VAL B 172 -9.93 5.72 -8.81
N ASP B 173 -10.22 5.44 -7.52
CA ASP B 173 -9.25 4.73 -6.66
C ASP B 173 -9.69 3.28 -6.48
N SER B 174 -8.95 2.50 -5.70
CA SER B 174 -9.30 1.08 -5.54
C SER B 174 -10.72 0.84 -5.04
N ARG B 175 -11.10 1.58 -4.01
CA ARG B 175 -12.42 1.45 -3.42
C ARG B 175 -13.54 1.78 -4.40
N GLU B 176 -13.38 2.88 -5.11
CA GLU B 176 -14.37 3.27 -6.09
C GLU B 176 -14.44 2.30 -7.28
N ALA B 177 -13.31 1.76 -7.70
CA ALA B 177 -13.29 0.85 -8.83
C ALA B 177 -14.04 -0.43 -8.47
N GLU B 178 -13.81 -0.96 -7.26
CA GLU B 178 -14.52 -2.20 -6.85
C GLU B 178 -16.03 -1.96 -6.71
N THR B 179 -16.42 -0.77 -6.23
CA THR B 179 -17.85 -0.46 -6.11
C THR B 179 -18.54 -0.47 -7.50
N LEU B 180 -17.82 0.00 -8.53
CA LEU B 180 -18.37 0.10 -9.90
C LEU B 180 -18.42 -1.23 -10.65
N THR B 181 -17.56 -2.16 -10.28
CA THR B 181 -17.37 -3.37 -11.09
C THR B 181 -17.65 -4.71 -10.42
N GLY B 182 -17.59 -4.73 -9.07
CA GLY B 182 -17.76 -5.97 -8.32
C GLY B 182 -16.52 -6.84 -8.31
N THR B 183 -15.39 -6.36 -8.81
CA THR B 183 -14.16 -7.16 -8.83
C THR B 183 -13.09 -6.42 -8.06
N ASN B 184 -12.24 -7.19 -7.40
CA ASN B 184 -11.09 -6.67 -6.66
C ASN B 184 -9.82 -6.54 -7.56
N ASP B 185 -9.91 -6.92 -8.84
CA ASP B 185 -8.76 -6.84 -9.79
C ASP B 185 -8.85 -5.45 -10.44
N LEU B 186 -7.98 -4.55 -10.01
CA LEU B 186 -8.05 -3.14 -10.44
C LEU B 186 -7.80 -2.98 -11.94
N ARG B 187 -6.85 -3.78 -12.47
N ARG B 187 -6.88 -3.79 -12.48
CA ARG B 187 -6.61 -3.88 -13.91
CA ARG B 187 -6.66 -3.81 -13.90
C ARG B 187 -7.93 -4.25 -14.61
C ARG B 187 -7.92 -4.26 -14.65
N GLU B 188 -8.59 -5.33 -14.19
CA GLU B 188 -9.89 -5.73 -14.82
C GLU B 188 -10.97 -4.67 -14.61
N SER B 189 -10.97 -3.98 -13.48
CA SER B 189 -11.92 -2.86 -13.32
C SER B 189 -11.70 -1.77 -14.33
N CYS B 190 -10.44 -1.50 -14.69
CA CYS B 190 -10.18 -0.53 -15.77
C CYS B 190 -10.76 -0.97 -17.14
N ARG B 191 -10.54 -2.23 -17.50
CA ARG B 191 -11.11 -2.77 -18.74
C ARG B 191 -12.66 -2.64 -18.78
N ILE B 192 -13.30 -3.07 -17.69
CA ILE B 192 -14.76 -2.97 -17.51
C ILE B 192 -15.27 -1.52 -17.63
N ILE B 193 -14.64 -0.57 -16.93
CA ILE B 193 -15.12 0.80 -16.94
C ILE B 193 -14.93 1.43 -18.33
N ARG B 194 -13.78 1.19 -18.96
CA ARG B 194 -13.54 1.58 -20.34
C ARG B 194 -14.66 1.08 -21.26
N SER B 195 -15.13 -0.14 -21.04
CA SER B 195 -16.20 -0.71 -21.86
C SER B 195 -17.56 0.02 -21.74
N PHE B 196 -17.78 0.73 -20.62
CA PHE B 196 -18.93 1.63 -20.48
C PHE B 196 -18.76 2.91 -21.34
N GLY B 197 -17.53 3.23 -21.79
CA GLY B 197 -17.32 4.22 -22.87
C GLY B 197 -16.45 5.44 -22.52
N ALA B 198 -16.00 5.55 -21.29
CA ALA B 198 -14.96 6.57 -20.91
C ALA B 198 -13.63 6.22 -21.58
N LYS B 199 -12.98 7.20 -22.21
CA LYS B 199 -11.86 6.90 -23.13
C LYS B 199 -10.57 6.48 -22.41
N ILE B 200 -10.30 7.16 -21.30
CA ILE B 200 -9.16 6.87 -20.46
C ILE B 200 -9.63 6.66 -19.02
N ILE B 201 -9.09 5.64 -18.38
CA ILE B 201 -9.34 5.41 -16.97
C ILE B 201 -8.03 5.66 -16.24
N LEU B 202 -8.06 6.51 -15.21
CA LEU B 202 -6.88 6.74 -14.40
C LEU B 202 -7.21 6.18 -13.03
N ALA B 203 -6.47 5.17 -12.61
CA ALA B 203 -6.77 4.44 -11.39
C ALA B 203 -5.63 4.58 -10.41
N THR B 204 -5.89 5.20 -9.27
CA THR B 204 -4.89 5.37 -8.22
C THR B 204 -5.08 4.26 -7.20
N HIS B 205 -3.94 3.83 -6.66
CA HIS B 205 -3.92 2.85 -5.61
C HIS B 205 -2.65 3.12 -4.81
N ALA B 206 -2.48 2.40 -3.70
CA ALA B 206 -1.46 2.71 -2.70
C ALA B 206 -0.05 2.91 -3.30
N SER B 207 0.35 2.03 -4.21
CA SER B 207 1.72 2.01 -4.72
C SER B 207 1.92 2.76 -6.04
N GLY B 208 0.85 3.21 -6.69
CA GLY B 208 1.05 3.89 -7.96
C GLY B 208 -0.23 4.21 -8.71
N VAL B 209 -0.05 4.56 -9.98
CA VAL B 209 -1.14 4.85 -10.90
C VAL B 209 -1.15 3.91 -12.07
N ILE B 210 -2.37 3.59 -12.50
CA ILE B 210 -2.58 2.80 -13.70
C ILE B 210 -3.37 3.72 -14.63
N VAL B 211 -2.89 3.87 -15.85
CA VAL B 211 -3.68 4.58 -16.87
C VAL B 211 -4.06 3.59 -17.97
N PHE B 212 -5.34 3.53 -18.30
CA PHE B 212 -5.83 2.57 -19.28
C PHE B 212 -6.62 3.25 -20.35
N ASP B 213 -6.21 3.10 -21.63
CA ASP B 213 -6.96 3.65 -22.73
C ASP B 213 -7.31 2.53 -23.78
N GLY B 214 -7.29 1.30 -23.30
CA GLY B 214 -7.36 0.11 -24.19
C GLY B 214 -6.06 -0.68 -24.10
N ASN B 215 -4.98 -0.01 -23.67
CA ASN B 215 -3.74 -0.61 -23.25
C ASN B 215 -3.31 0.01 -21.92
N PHE B 216 -2.50 -0.72 -21.16
CA PHE B 216 -2.13 -0.30 -19.81
C PHE B 216 -0.81 0.46 -19.81
N TYR B 217 -0.76 1.52 -19.00
CA TYR B 217 0.46 2.26 -18.66
C TYR B 217 0.46 2.35 -17.15
N GLU B 218 1.60 2.05 -16.53
CA GLU B 218 1.70 2.02 -15.08
C GLU B 218 2.88 2.91 -14.68
N ALA B 219 2.78 3.53 -13.49
CA ALA B 219 3.93 4.18 -12.87
C ALA B 219 3.80 4.16 -11.37
N SER B 220 4.93 3.97 -10.70
CA SER B 220 4.96 3.88 -9.27
C SER B 220 5.13 5.22 -8.61
N PHE B 221 4.51 5.35 -7.42
CA PHE B 221 4.83 6.47 -6.56
C PHE B 221 6.11 6.14 -5.80
N ARG B 222 6.87 7.19 -5.44
CA ARG B 222 8.13 6.96 -4.66
C ARG B 222 7.82 6.59 -3.23
N SER B 223 6.94 7.36 -2.61
CA SER B 223 6.56 7.16 -1.22
C SER B 223 5.29 7.89 -0.87
N TRP B 224 4.74 7.59 0.31
CA TRP B 224 3.69 8.40 0.90
C TRP B 224 3.70 8.22 2.39
N SER B 225 3.20 9.27 3.03
CA SER B 225 2.97 9.32 4.48
C SER B 225 1.47 9.41 4.69
N LEU B 226 1.02 9.04 5.87
CA LEU B 226 -0.43 9.05 6.10
C LEU B 226 -1.03 10.45 5.88
N GLU B 227 -0.36 11.44 6.43
CA GLU B 227 -0.81 12.83 6.30
C GLU B 227 -0.74 13.29 4.86
N GLY B 228 0.25 12.77 4.14
CA GLY B 228 0.46 13.12 2.70
C GLY B 228 -0.48 12.52 1.69
N ARG B 229 -1.19 11.47 2.09
CA ARG B 229 -2.00 10.72 1.15
C ARG B 229 -3.25 11.43 0.66
N THR B 230 -3.96 12.15 1.51
CA THR B 230 -5.21 12.72 1.08
C THR B 230 -4.93 13.77 -0.03
N GLY B 231 -5.75 13.73 -1.06
CA GLY B 231 -5.50 14.53 -2.23
C GLY B 231 -4.61 13.89 -3.31
N ARG B 232 -4.10 12.68 -3.04
CA ARG B 232 -3.32 11.88 -3.99
C ARG B 232 -3.97 11.89 -5.37
N GLY B 233 -5.24 11.46 -5.43
CA GLY B 233 -5.97 11.19 -6.65
C GLY B 233 -6.20 12.46 -7.45
N ASP B 234 -6.53 13.52 -6.75
CA ASP B 234 -6.82 14.78 -7.41
C ASP B 234 -5.54 15.44 -7.86
N THR B 235 -4.46 15.29 -7.07
CA THR B 235 -3.14 15.73 -7.49
C THR B 235 -2.69 14.95 -8.77
N CYS B 236 -2.84 13.63 -8.76
CA CYS B 236 -2.41 12.79 -9.88
C CYS B 236 -3.25 13.05 -11.13
N THR B 237 -4.56 13.19 -10.99
CA THR B 237 -5.43 13.53 -12.11
C THR B 237 -5.01 14.87 -12.74
N ALA B 238 -4.85 15.87 -11.90
CA ALA B 238 -4.44 17.18 -12.40
C ALA B 238 -3.12 17.14 -13.14
N ALA B 239 -2.13 16.45 -12.55
CA ALA B 239 -0.83 16.39 -13.24
C ALA B 239 -0.96 15.65 -14.56
N PHE B 240 -1.74 14.57 -14.59
CA PHE B 240 -1.94 13.90 -15.84
C PHE B 240 -2.60 14.74 -16.93
N LEU B 241 -3.59 15.49 -16.53
CA LEU B 241 -4.29 16.38 -17.47
C LEU B 241 -3.32 17.44 -18.00
N VAL B 242 -2.51 18.01 -17.13
CA VAL B 242 -1.49 18.96 -17.61
C VAL B 242 -0.55 18.26 -18.61
N GLY B 243 -0.07 17.06 -18.26
CA GLY B 243 0.93 16.36 -19.06
C GLY B 243 0.36 16.01 -20.44
N PHE B 244 -0.79 15.38 -20.39
CA PHE B 244 -1.41 14.81 -21.54
C PHE B 244 -2.20 15.76 -22.40
N VAL B 245 -2.99 16.64 -21.81
CA VAL B 245 -3.88 17.53 -22.55
C VAL B 245 -3.17 18.82 -22.97
N PHE B 246 -2.32 19.37 -22.10
CA PHE B 246 -1.74 20.69 -22.32
C PHE B 246 -0.35 20.62 -22.90
N LYS B 247 0.52 19.84 -22.23
CA LYS B 247 1.91 19.67 -22.67
C LYS B 247 2.09 18.72 -23.85
N LYS B 248 1.10 17.87 -24.11
CA LYS B 248 1.10 16.94 -25.26
C LYS B 248 2.17 15.87 -25.14
N MET B 249 2.43 15.50 -23.90
CA MET B 249 3.24 14.31 -23.64
C MET B 249 2.49 13.10 -24.14
N SER B 250 3.24 12.07 -24.53
CA SER B 250 2.61 10.77 -24.84
C SER B 250 1.93 10.27 -23.58
N ILE B 251 0.98 9.35 -23.75
CA ILE B 251 0.24 8.81 -22.59
C ILE B 251 1.20 8.11 -21.63
N GLU B 252 2.23 7.44 -22.15
CA GLU B 252 3.21 6.79 -21.24
C GLU B 252 4.04 7.84 -20.47
N LYS B 253 4.48 8.90 -21.12
CA LYS B 253 5.21 9.95 -20.38
C LYS B 253 4.32 10.72 -19.37
N ALA B 254 3.07 11.02 -19.77
CA ALA B 254 2.15 11.74 -18.86
C ALA B 254 1.85 10.88 -17.66
N THR B 255 1.79 9.55 -17.85
CA THR B 255 1.56 8.66 -16.69
C THR B 255 2.72 8.73 -15.70
N LYS B 256 3.92 8.64 -16.22
CA LYS B 256 5.16 8.81 -15.41
C LYS B 256 5.23 10.17 -14.69
N PHE B 257 4.93 11.23 -15.43
CA PHE B 257 4.92 12.61 -14.92
C PHE B 257 3.93 12.79 -13.76
N ALA B 258 2.72 12.27 -14.00
CA ALA B 258 1.64 12.34 -13.00
C ALA B 258 2.03 11.66 -11.70
N ALA B 259 2.65 10.49 -11.80
CA ALA B 259 3.14 9.81 -10.60
C ALA B 259 4.26 10.56 -9.90
N ALA B 260 5.12 11.19 -10.67
CA ALA B 260 6.23 11.98 -10.12
C ALA B 260 5.75 13.20 -9.32
N VAL B 261 4.76 13.90 -9.88
CA VAL B 261 4.20 15.06 -9.21
C VAL B 261 3.48 14.64 -7.92
N THR B 262 2.72 13.55 -8.01
CA THR B 262 1.98 13.03 -6.87
C THR B 262 2.94 12.66 -5.74
N SER B 263 4.06 12.04 -6.11
CA SER B 263 5.07 11.57 -5.16
C SER B 263 5.58 12.72 -4.30
N VAL B 264 5.95 13.84 -4.91
CA VAL B 264 6.49 14.94 -4.11
C VAL B 264 5.41 15.57 -3.21
N LYS B 265 4.18 15.63 -3.70
CA LYS B 265 3.06 16.10 -2.88
C LYS B 265 2.79 15.21 -1.66
N MET B 266 3.01 13.90 -1.79
CA MET B 266 2.60 13.00 -0.73
C MET B 266 3.59 12.95 0.40
N ARG B 267 4.62 13.82 0.36
CA ARG B 267 5.59 13.96 1.45
C ARG B 267 5.11 14.80 2.61
N HIS B 268 3.97 15.46 2.42
CA HIS B 268 3.45 16.43 3.39
C HIS B 268 1.93 16.55 3.29
N PRO B 269 1.27 17.09 4.33
CA PRO B 269 -0.16 17.38 4.20
C PRO B 269 -0.42 18.51 3.20
N GLY B 270 -1.66 18.57 2.71
CA GLY B 270 -2.12 19.67 1.91
C GLY B 270 -1.64 19.66 0.48
N PRO B 271 -2.08 20.65 -0.29
CA PRO B 271 -1.76 20.64 -1.72
C PRO B 271 -0.26 20.71 -2.03
N LEU B 272 0.04 20.35 -3.28
CA LEU B 272 1.37 20.57 -3.91
C LEU B 272 1.83 21.97 -3.56
N ARG B 273 3.12 22.07 -3.27
CA ARG B 273 3.77 23.33 -2.90
C ARG B 273 4.76 23.72 -4.00
N ARG B 274 5.03 25.02 -4.14
CA ARG B 274 5.98 25.52 -5.14
C ARG B 274 7.35 24.82 -5.03
N GLU B 275 7.81 24.67 -3.78
CA GLU B 275 9.09 23.97 -3.45
C GLU B 275 9.17 22.46 -3.82
N ASP B 276 8.03 21.77 -3.88
CA ASP B 276 7.98 20.40 -4.41
C ASP B 276 8.47 20.27 -5.86
N LEU B 277 8.29 21.33 -6.66
CA LEU B 277 8.57 21.31 -8.11
C LEU B 277 10.05 21.01 -8.41
N GLU B 278 10.94 21.61 -7.61
CA GLU B 278 12.39 21.36 -7.66
C GLU B 278 12.80 19.87 -7.64
N ALA B 279 12.05 19.05 -6.93
CA ALA B 279 12.30 17.62 -6.85
C ALA B 279 11.52 16.77 -7.90
N ILE B 280 10.76 17.38 -8.82
CA ILE B 280 9.87 16.60 -9.73
C ILE B 280 10.65 15.81 -10.79
C1 INS C . 12.38 -10.79 0.21
C2 INS C . 12.16 -11.76 -0.95
C3 INS C . 13.26 -11.51 -1.99
C4 INS C . 14.66 -11.79 -1.38
C5 INS C . 14.90 -10.90 -0.18
C6 INS C . 13.74 -11.05 0.83
O1 INS C . 11.35 -11.01 1.19
O2 INS C . 12.24 -13.10 -0.54
O3 INS C . 13.01 -12.28 -3.14
O4 INS C . 15.64 -11.53 -2.39
O5 INS C . 16.14 -11.29 0.47
O6 INS C . 14.07 -10.15 1.94
S SO4 D . 5.57 -9.76 2.31
O1 SO4 D . 6.91 -9.02 2.38
O2 SO4 D . 4.65 -9.00 3.12
O3 SO4 D . 5.08 -9.86 0.91
O4 SO4 D . 5.70 -11.10 2.88
S SO4 E . 0.46 -7.55 -1.83
O1 SO4 E . 1.11 -6.25 -1.52
O2 SO4 E . -1.03 -7.45 -1.62
O3 SO4 E . 0.55 -7.64 -3.30
O4 SO4 E . 1.09 -8.66 -1.07
C1 INS F . -10.42 13.83 -0.08
C2 INS F . -11.58 13.06 0.55
C3 INS F . -11.93 13.60 1.92
C4 INS F . -12.27 15.07 1.85
C5 INS F . -11.09 15.81 1.24
C6 INS F . -10.71 15.33 -0.16
O1 INS F . -10.20 13.34 -1.42
O2 INS F . -12.69 13.12 -0.33
O3 INS F . -13.02 12.83 2.48
O4 INS F . -12.52 15.49 3.19
O5 INS F . -11.50 17.19 1.18
O6 INS F . -9.59 16.09 -0.66
S SO4 G . -7.59 8.90 -4.22
O1 SO4 G . -7.08 10.13 -3.52
O2 SO4 G . -7.97 7.86 -3.19
O3 SO4 G . -6.45 8.36 -5.01
O4 SO4 G . -8.64 9.24 -5.16
S SO4 H . -5.82 2.35 -2.29
O1 SO4 H . -6.53 1.75 -1.13
O2 SO4 H . -4.64 3.05 -1.69
O3 SO4 H . -6.68 3.22 -3.13
O4 SO4 H . -5.28 1.23 -3.05
#